data_5AAV
#
_entry.id   5AAV
#
_cell.length_a   105.488
_cell.length_b   51.540
_cell.length_c   83.705
_cell.angle_alpha   90.00
_cell.angle_beta   90.90
_cell.angle_gamma   90.00
#
_symmetry.space_group_name_H-M   'C 1 2 1'
#
loop_
_entity.id
_entity.type
_entity.pdbx_description
1 polymer 'ESTROGEN RECEPTOR'
2 polymer 'ESTROGEN RECEPTOR'
3 non-polymer '(2E)-3-{4-[(1E)-1,2-DIPHENYLBUT-1-ENYL]PHENYL}ACRYLIC ACID'
4 water water
#
loop_
_entity_poly.entity_id
_entity_poly.type
_entity_poly.pdbx_seq_one_letter_code
_entity_poly.pdbx_strand_id
1 'polypeptide(L)'
;GSHMALSLTADQMVSALLDAEPPILYSEYDPTRPFSEASMMGLLTNLADRELVHMINWAKRVPGFVDLTLHDQVHLLESA
WLEILMIGLVWRSMEHPGKLLFAPNLLLDRNQGKSVEGMVEIFDMLLATSSRFRMMNLQGEEFVCLKSIILLNSGVYTFL
SSTLKSLEEKDHIHRVLDKITDTLIHLMAKAGLTLQQQHQRLAQLLLILSHIRHMSNKGMEHLYSMKSKNVVPSYDLLLE
MLDAHRLHAPTS
;
A
2 'polypeptide(L)'
;GSHLALSLTADQMVSALLDAEPPILYSEYDPTRPFSEASMMGLLTNLADRELVHMINWAKRVPGFVDLTLHDQVHLLESA
WLEILMIGLVWRSMEHPGKLLFAPNLLLDRNQGKSVEGMVEIFDMLLATSSRFRMMNLQGEEFVCLKSIILLNSGVYTFL
SSTLKSLEEKDHIHRVLDKITDTLIHLMAKAGLTLQQQHQRLAQLLLILSHIRHMSNKGMEHLYSMKSKNVVPSYDLLLE
MLDAHRLHAPTS
;
B
#
loop_
_chem_comp.id
_chem_comp.type
_chem_comp.name
_chem_comp.formula
GW5 non-polymer '(2E)-3-{4-[(1E)-1,2-DIPHENYLBUT-1-ENYL]PHENYL}ACRYLIC ACID' 'C25 H22 O2'
#
# COMPACT_ATOMS: atom_id res chain seq x y z
N GLY A 1 13.81 32.47 -5.06
CA GLY A 1 12.36 32.37 -4.77
C GLY A 1 12.01 30.95 -4.42
N SER A 2 10.74 30.70 -4.20
CA SER A 2 10.26 29.41 -3.76
C SER A 2 9.02 29.04 -4.57
N HIS A 3 9.01 27.83 -5.15
CA HIS A 3 7.83 27.30 -5.82
C HIS A 3 6.94 26.63 -4.77
N MET A 4 5.66 26.96 -4.72
CA MET A 4 4.73 26.17 -3.91
C MET A 4 4.45 24.88 -4.68
N ALA A 5 4.20 23.81 -3.92
CA ALA A 5 4.10 22.47 -4.48
C ALA A 5 3.07 22.34 -5.62
N LEU A 6 1.90 22.91 -5.39
CA LEU A 6 0.80 22.79 -6.33
C LEU A 6 0.99 23.64 -7.59
N SER A 7 2.02 24.51 -7.60
CA SER A 7 2.35 25.30 -8.78
C SER A 7 3.30 24.63 -9.76
N LEU A 8 3.87 23.48 -9.37
CA LEU A 8 4.96 22.89 -10.13
C LEU A 8 4.42 22.24 -11.39
N THR A 9 5.13 22.40 -12.51
CA THR A 9 4.89 21.58 -13.69
C THR A 9 5.52 20.20 -13.48
N ALA A 10 5.22 19.28 -14.39
CA ALA A 10 5.82 17.93 -14.33
C ALA A 10 7.35 17.99 -14.39
N ASP A 11 7.90 18.81 -15.28
CA ASP A 11 9.36 19.01 -15.35
C ASP A 11 9.99 19.66 -14.11
N GLN A 12 9.33 20.65 -13.52
CA GLN A 12 9.81 21.25 -12.26
C GLN A 12 9.75 20.24 -11.10
N MET A 13 8.69 19.43 -11.07
CA MET A 13 8.55 18.37 -10.06
C MET A 13 9.67 17.35 -10.17
N VAL A 14 9.91 16.84 -11.37
CA VAL A 14 10.99 15.86 -11.56
C VAL A 14 12.34 16.49 -11.16
N SER A 15 12.60 17.73 -11.58
CA SER A 15 13.85 18.40 -11.26
C SER A 15 14.05 18.54 -9.75
N ALA A 16 12.99 18.96 -9.05
CA ALA A 16 13.00 19.04 -7.58
C ALA A 16 13.32 17.69 -6.93
N LEU A 17 12.69 16.62 -7.39
CA LEU A 17 12.94 15.30 -6.80
C LEU A 17 14.32 14.73 -7.13
N LEU A 18 14.75 14.85 -8.39
CA LEU A 18 16.09 14.38 -8.77
C LEU A 18 17.18 15.10 -7.97
N ASP A 19 17.01 16.42 -7.79
CA ASP A 19 17.95 17.21 -7.01
C ASP A 19 17.98 16.81 -5.54
N ALA A 20 16.83 16.42 -4.99
CA ALA A 20 16.73 16.01 -3.59
C ALA A 20 17.25 14.61 -3.28
N GLU A 21 17.51 13.81 -4.30
CA GLU A 21 17.89 12.41 -4.12
C GLU A 21 19.08 12.18 -3.19
N PRO A 22 18.97 11.23 -2.24
CA PRO A 22 20.15 10.98 -1.41
C PRO A 22 21.23 10.22 -2.14
N PRO A 23 22.46 10.21 -1.58
CA PRO A 23 23.53 9.43 -2.17
C PRO A 23 23.40 7.94 -1.83
N ILE A 24 24.02 7.09 -2.66
CA ILE A 24 24.22 5.67 -2.35
C ILE A 24 25.38 5.53 -1.34
N LEU A 25 25.09 4.96 -0.17
CA LEU A 25 26.07 4.83 0.91
C LEU A 25 26.76 3.47 0.84
N TYR A 26 27.94 3.36 1.46
CA TYR A 26 28.61 2.06 1.58
C TYR A 26 28.40 1.46 2.95
N SER A 27 28.47 0.14 2.99
CA SER A 27 28.50 -0.58 4.24
C SER A 27 29.83 -0.30 4.95
N GLU A 28 29.81 -0.39 6.28
CA GLU A 28 31.02 -0.26 7.09
C GLU A 28 32.14 -1.15 6.56
N TYR A 29 33.32 -0.59 6.32
CA TYR A 29 34.46 -1.45 5.99
C TYR A 29 34.94 -2.10 7.29
N ASP A 30 34.78 -3.42 7.38
CA ASP A 30 35.06 -4.16 8.61
C ASP A 30 35.31 -5.61 8.21
N PRO A 31 36.46 -5.87 7.55
CA PRO A 31 36.69 -7.20 6.94
C PRO A 31 36.73 -8.35 7.95
N THR A 32 37.27 -8.11 9.15
CA THR A 32 37.43 -9.17 10.19
C THR A 32 36.18 -9.44 11.03
N ARG A 33 35.11 -8.71 10.73
CA ARG A 33 33.81 -8.92 11.34
C ARG A 33 33.35 -10.37 11.26
N PRO A 34 32.81 -10.94 12.36
CA PRO A 34 32.31 -12.33 12.35
C PRO A 34 31.01 -12.48 11.56
N PHE A 35 30.56 -13.70 11.33
CA PHE A 35 29.44 -13.95 10.40
C PHE A 35 28.01 -14.00 11.01
N SER A 36 27.87 -13.92 12.34
CA SER A 36 26.59 -14.20 13.05
C SER A 36 25.34 -13.40 12.60
N GLU A 37 24.19 -13.83 13.11
CA GLU A 37 22.92 -13.14 12.91
C GLU A 37 23.02 -11.70 13.37
N ALA A 38 23.56 -11.49 14.57
CA ALA A 38 23.70 -10.14 15.13
C ALA A 38 24.75 -9.31 14.36
N SER A 39 25.76 -9.96 13.79
CA SER A 39 26.77 -9.32 12.97
C SER A 39 26.18 -8.71 11.69
N MET A 40 25.56 -9.54 10.86
CA MET A 40 24.92 -9.08 9.63
C MET A 40 23.84 -8.05 9.92
N MET A 41 23.03 -8.32 10.96
CA MET A 41 22.00 -7.37 11.36
C MET A 41 22.60 -6.05 11.80
N GLY A 42 23.78 -6.10 12.44
CA GLY A 42 24.54 -4.91 12.79
C GLY A 42 25.00 -4.10 11.60
N LEU A 43 25.52 -4.77 10.56
CA LEU A 43 25.89 -4.08 9.32
C LEU A 43 24.68 -3.33 8.73
N LEU A 44 23.53 -4.00 8.73
CA LEU A 44 22.30 -3.43 8.19
C LEU A 44 21.78 -2.27 9.03
N THR A 45 21.84 -2.43 10.36
CA THR A 45 21.40 -1.40 11.28
C THR A 45 22.24 -0.14 11.13
N ASN A 46 23.56 -0.31 11.01
CA ASN A 46 24.48 0.80 10.84
C ASN A 46 24.23 1.52 9.53
N LEU A 47 24.00 0.75 8.46
CA LEU A 47 23.68 1.32 7.15
C LEU A 47 22.36 2.12 7.18
N ALA A 48 21.34 1.50 7.76
CA ALA A 48 20.03 2.13 7.91
C ALA A 48 20.09 3.45 8.70
N ASP A 49 20.83 3.43 9.81
CA ASP A 49 21.03 4.63 10.66
C ASP A 49 21.59 5.80 9.86
N ARG A 50 22.61 5.54 9.05
CA ARG A 50 23.21 6.56 8.19
C ARG A 50 22.32 7.02 7.04
N GLU A 51 21.61 6.07 6.41
CA GLU A 51 20.60 6.42 5.40
C GLU A 51 19.49 7.34 5.95
N LEU A 52 19.11 7.12 7.19
CA LEU A 52 18.02 7.87 7.82
C LEU A 52 18.34 9.38 7.90
N VAL A 53 19.60 9.72 8.19
CA VAL A 53 20.02 11.11 8.21
C VAL A 53 19.84 11.75 6.83
N HIS A 54 20.26 11.05 5.78
CA HIS A 54 20.06 11.56 4.42
C HIS A 54 18.56 11.59 4.06
N MET A 55 17.81 10.64 4.61
CA MET A 55 16.37 10.56 4.35
C MET A 55 15.64 11.80 4.85
N ILE A 56 16.04 12.32 6.00
CA ILE A 56 15.47 13.55 6.54
C ILE A 56 15.71 14.70 5.59
N ASN A 57 16.95 14.82 5.09
CA ASN A 57 17.30 15.91 4.16
CA ASN A 57 17.30 15.91 4.17
C ASN A 57 16.45 15.82 2.90
N TRP A 58 16.31 14.60 2.38
CA TRP A 58 15.49 14.32 1.22
C TRP A 58 14.02 14.70 1.49
N ALA A 59 13.46 14.25 2.62
CA ALA A 59 12.02 14.49 2.95
C ALA A 59 11.68 15.98 2.97
N LYS A 60 12.58 16.76 3.57
CA LYS A 60 12.43 18.22 3.65
C LYS A 60 12.38 18.89 2.26
N ARG A 61 12.93 18.25 1.24
CA ARG A 61 12.92 18.73 -0.12
C ARG A 61 11.81 18.14 -0.99
N VAL A 62 11.01 17.22 -0.49
CA VAL A 62 9.85 16.69 -1.23
C VAL A 62 8.78 17.80 -1.27
N PRO A 63 8.37 18.25 -2.46
CA PRO A 63 7.40 19.36 -2.49
C PRO A 63 6.18 19.14 -1.61
N GLY A 64 5.81 20.17 -0.84
CA GLY A 64 4.70 20.08 0.10
C GLY A 64 5.01 19.58 1.51
N PHE A 65 6.10 18.83 1.68
CA PHE A 65 6.40 18.24 2.99
C PHE A 65 6.55 19.31 4.08
N VAL A 66 7.28 20.39 3.79
CA VAL A 66 7.45 21.50 4.77
C VAL A 66 6.23 22.42 4.93
N ASP A 67 5.17 22.18 4.15
CA ASP A 67 3.87 22.85 4.38
C ASP A 67 3.17 22.28 5.58
N LEU A 68 3.56 21.08 6.02
CA LEU A 68 2.96 20.42 7.16
C LEU A 68 3.63 20.89 8.44
N THR A 69 2.93 20.72 9.56
CA THR A 69 3.52 20.97 10.87
C THR A 69 4.60 19.93 11.15
N LEU A 70 5.52 20.27 12.04
CA LEU A 70 6.58 19.37 12.48
C LEU A 70 6.00 18.04 12.96
N HIS A 71 4.92 18.09 13.75
CA HIS A 71 4.22 16.88 14.28
CA HIS A 71 4.36 16.84 14.26
C HIS A 71 3.73 15.98 13.16
N ASP A 72 3.12 16.61 12.13
CA ASP A 72 2.62 15.87 10.96
C ASP A 72 3.79 15.31 10.10
N GLN A 73 4.87 16.08 9.97
CA GLN A 73 6.06 15.58 9.27
C GLN A 73 6.58 14.31 9.93
N VAL A 74 6.63 14.32 11.26
CA VAL A 74 7.15 13.18 12.01
C VAL A 74 6.24 11.95 11.86
N HIS A 75 4.93 12.16 11.94
CA HIS A 75 3.97 11.07 11.72
C HIS A 75 4.18 10.39 10.36
N LEU A 76 4.30 11.18 9.30
CA LEU A 76 4.53 10.63 7.98
C LEU A 76 5.85 9.87 7.88
N LEU A 77 6.94 10.43 8.41
CA LEU A 77 8.24 9.74 8.39
C LEU A 77 8.25 8.49 9.23
N GLU A 78 7.64 8.52 10.40
CA GLU A 78 7.53 7.35 11.28
C GLU A 78 6.82 6.18 10.58
N SER A 79 5.77 6.49 9.82
CA SER A 79 5.06 5.50 9.02
C SER A 79 5.83 4.94 7.85
N ALA A 80 6.63 5.78 7.19
CA ALA A 80 7.19 5.51 5.87
C ALA A 80 8.67 5.04 5.83
N TRP A 81 9.43 5.26 6.91
CA TRP A 81 10.90 5.18 6.83
C TRP A 81 11.39 3.81 6.33
N LEU A 82 10.85 2.71 6.85
CA LEU A 82 11.27 1.38 6.36
C LEU A 82 10.85 1.13 4.89
N GLU A 83 9.64 1.54 4.51
CA GLU A 83 9.23 1.41 3.12
C GLU A 83 10.15 2.19 2.20
N ILE A 84 10.56 3.39 2.61
CA ILE A 84 11.51 4.19 1.83
C ILE A 84 12.87 3.50 1.70
N LEU A 85 13.38 2.94 2.79
CA LEU A 85 14.63 2.19 2.71
C LEU A 85 14.54 1.00 1.77
N MET A 86 13.42 0.29 1.85
CA MET A 86 13.16 -0.88 1.00
C MET A 86 12.98 -0.55 -0.44
N ILE A 87 12.29 0.52 -0.80
CA ILE A 87 12.16 0.86 -2.25
C ILE A 87 13.53 1.23 -2.81
N GLY A 88 14.34 1.94 -2.00
CA GLY A 88 15.73 2.27 -2.35
C GLY A 88 16.51 0.99 -2.60
N LEU A 89 16.35 0.02 -1.70
CA LEU A 89 17.06 -1.27 -1.81
C LEU A 89 16.67 -2.02 -3.10
N VAL A 90 15.37 -2.07 -3.36
CA VAL A 90 14.87 -2.74 -4.55
C VAL A 90 15.32 -2.02 -5.84
N TRP A 91 15.31 -0.70 -5.85
CA TRP A 91 15.82 0.07 -6.98
C TRP A 91 17.29 -0.24 -7.32
N ARG A 92 18.14 -0.20 -6.29
CA ARG A 92 19.56 -0.48 -6.44
C ARG A 92 19.84 -1.88 -6.95
N SER A 93 18.97 -2.82 -6.62
CA SER A 93 19.17 -4.25 -6.91
C SER A 93 18.65 -4.71 -8.28
N MET A 94 18.01 -3.82 -9.03
CA MET A 94 17.40 -4.16 -10.33
C MET A 94 18.32 -4.80 -11.35
N GLU A 95 19.58 -4.34 -11.41
CA GLU A 95 20.56 -4.88 -12.36
C GLU A 95 21.38 -6.03 -11.79
N HIS A 96 20.89 -6.67 -10.73
CA HIS A 96 21.58 -7.77 -10.08
C HIS A 96 20.56 -8.85 -9.79
N PRO A 97 20.05 -9.55 -10.84
CA PRO A 97 19.00 -10.54 -10.58
C PRO A 97 19.41 -11.58 -9.54
N GLY A 98 18.48 -11.94 -8.66
CA GLY A 98 18.77 -12.90 -7.60
C GLY A 98 19.53 -12.37 -6.39
N LYS A 99 19.96 -11.10 -6.42
CA LYS A 99 20.75 -10.50 -5.32
C LYS A 99 20.19 -9.15 -4.88
N LEU A 100 20.46 -8.81 -3.63
CA LEU A 100 20.11 -7.51 -3.09
C LEU A 100 21.37 -6.70 -2.82
N LEU A 101 21.42 -5.52 -3.42
CA LEU A 101 22.54 -4.65 -3.32
C LEU A 101 22.26 -3.67 -2.19
N PHE A 102 22.54 -4.12 -0.97
CA PHE A 102 22.37 -3.28 0.20
C PHE A 102 23.28 -2.05 0.09
N ALA A 103 24.48 -2.27 -0.46
CA ALA A 103 25.43 -1.22 -0.74
C ALA A 103 26.35 -1.76 -1.84
N PRO A 104 27.10 -0.90 -2.55
CA PRO A 104 28.00 -1.45 -3.56
C PRO A 104 29.03 -2.46 -3.04
N ASN A 105 29.37 -2.36 -1.75
CA ASN A 105 30.24 -3.33 -1.07
C ASN A 105 29.49 -4.36 -0.19
N LEU A 106 28.18 -4.50 -0.38
CA LEU A 106 27.38 -5.46 0.39
C LEU A 106 26.25 -5.95 -0.50
N LEU A 107 26.62 -6.86 -1.40
CA LEU A 107 25.72 -7.43 -2.39
C LEU A 107 25.49 -8.85 -1.94
N LEU A 108 24.28 -9.16 -1.50
CA LEU A 108 23.99 -10.47 -0.94
C LEU A 108 23.11 -11.32 -1.85
N ASP A 109 23.48 -12.59 -2.01
CA ASP A 109 22.59 -13.55 -2.63
C ASP A 109 21.64 -14.20 -1.60
N ARG A 110 20.68 -14.91 -2.16
CA ARG A 110 19.60 -15.54 -1.43
C ARG A 110 20.06 -16.45 -0.29
N ASN A 111 21.06 -17.29 -0.57
CA ASN A 111 21.65 -18.16 0.45
C ASN A 111 22.28 -17.41 1.60
N GLN A 112 22.88 -16.26 1.32
CA GLN A 112 23.46 -15.39 2.36
C GLN A 112 22.41 -14.72 3.27
N GLY A 113 21.25 -14.36 2.72
CA GLY A 113 20.22 -13.65 3.49
C GLY A 113 19.45 -14.57 4.43
N MET A 119 14.83 -11.58 8.40
CA MET A 119 15.00 -11.65 6.93
C MET A 119 14.51 -12.92 6.16
N VAL A 120 14.15 -14.00 6.85
CA VAL A 120 13.68 -15.25 6.16
C VAL A 120 12.56 -15.05 5.11
N GLU A 121 11.45 -14.44 5.51
CA GLU A 121 10.34 -14.23 4.58
C GLU A 121 10.63 -13.09 3.58
N ILE A 122 11.18 -11.97 4.07
CA ILE A 122 11.20 -10.74 3.25
C ILE A 122 12.25 -10.69 2.13
N PHE A 123 13.35 -11.43 2.26
CA PHE A 123 14.39 -11.44 1.23
C PHE A 123 13.82 -11.79 -0.16
N ASP A 124 13.06 -12.90 -0.22
CA ASP A 124 12.46 -13.34 -1.48
C ASP A 124 11.40 -12.38 -1.96
N MET A 125 10.66 -11.78 -1.02
CA MET A 125 9.73 -10.70 -1.37
C MET A 125 10.43 -9.49 -2.01
N LEU A 126 11.56 -9.10 -1.43
CA LEU A 126 12.34 -7.98 -1.97
C LEU A 126 12.90 -8.30 -3.35
N LEU A 127 13.43 -9.51 -3.52
CA LEU A 127 13.88 -9.99 -4.83
C LEU A 127 12.78 -9.99 -5.89
N ALA A 128 11.61 -10.47 -5.49
CA ALA A 128 10.44 -10.50 -6.38
C ALA A 128 10.08 -9.06 -6.82
N THR A 129 10.12 -8.12 -5.87
CA THR A 129 9.80 -6.75 -6.17
C THR A 129 10.82 -6.14 -7.13
N SER A 130 12.09 -6.41 -6.88
CA SER A 130 13.16 -5.95 -7.75
C SER A 130 13.08 -6.49 -9.20
N SER A 131 12.75 -7.77 -9.33
CA SER A 131 12.48 -8.38 -10.64
C SER A 131 11.34 -7.69 -11.39
N ARG A 132 10.25 -7.39 -10.69
CA ARG A 132 9.10 -6.76 -11.31
C ARG A 132 9.43 -5.35 -11.83
N PHE A 133 10.18 -4.57 -11.05
CA PHE A 133 10.68 -3.26 -11.53
C PHE A 133 11.63 -3.40 -12.72
N ARG A 134 12.48 -4.43 -12.71
CA ARG A 134 13.35 -4.71 -13.87
C ARG A 134 12.53 -5.02 -15.15
N MET A 135 11.54 -5.89 -15.03
CA MET A 135 10.59 -6.28 -16.10
C MET A 135 9.88 -5.08 -16.70
N MET A 136 9.34 -4.23 -15.81
CA MET A 136 8.66 -3.02 -16.22
C MET A 136 9.59 -1.93 -16.73
N ASN A 137 10.90 -2.12 -16.55
CA ASN A 137 11.90 -1.13 -16.91
C ASN A 137 11.65 0.20 -16.22
N LEU A 138 11.48 0.14 -14.91
CA LEU A 138 11.20 1.34 -14.13
C LEU A 138 12.30 2.36 -14.38
N GLN A 139 11.93 3.61 -14.67
CA GLN A 139 12.90 4.67 -14.89
C GLN A 139 13.18 5.43 -13.59
N GLY A 140 14.37 6.03 -13.50
CA GLY A 140 14.76 6.87 -12.36
C GLY A 140 13.77 7.98 -12.03
N GLU A 141 13.23 8.61 -13.07
CA GLU A 141 12.25 9.68 -12.90
C GLU A 141 10.95 9.15 -12.25
N GLU A 142 10.55 7.93 -12.61
CA GLU A 142 9.35 7.30 -12.02
C GLU A 142 9.65 6.87 -10.59
N PHE A 143 10.84 6.37 -10.37
CA PHE A 143 11.28 5.91 -9.04
C PHE A 143 11.19 7.03 -8.00
N VAL A 144 11.70 8.22 -8.34
CA VAL A 144 11.68 9.31 -7.40
C VAL A 144 10.25 9.75 -7.09
N CYS A 145 9.35 9.64 -8.06
CA CYS A 145 7.92 9.94 -7.83
C CYS A 145 7.30 8.93 -6.86
N LEU A 146 7.58 7.65 -7.07
CA LEU A 146 7.08 6.59 -6.19
C LEU A 146 7.52 6.71 -4.76
N LYS A 147 8.78 7.03 -4.59
CA LYS A 147 9.32 7.24 -3.26
C LYS A 147 8.63 8.40 -2.54
N SER A 148 8.37 9.49 -3.27
CA SER A 148 7.66 10.63 -2.71
C SER A 148 6.22 10.31 -2.31
N ILE A 149 5.56 9.50 -3.15
CA ILE A 149 4.21 8.96 -2.86
C ILE A 149 4.19 8.14 -1.57
N ILE A 150 5.18 7.28 -1.38
CA ILE A 150 5.27 6.49 -0.15
C ILE A 150 5.30 7.42 1.08
N LEU A 151 6.12 8.47 1.00
CA LEU A 151 6.27 9.42 2.12
C LEU A 151 4.98 10.12 2.45
N LEU A 152 4.27 10.59 1.44
CA LEU A 152 3.05 11.36 1.66
C LEU A 152 1.84 10.52 1.96
N ASN A 153 1.80 9.29 1.45
CA ASN A 153 0.62 8.43 1.60
C ASN A 153 0.59 7.46 2.81
N SER A 154 1.75 6.94 3.22
CA SER A 154 1.82 5.81 4.16
CA SER A 154 1.76 5.80 4.12
C SER A 154 1.15 6.11 5.50
N GLY A 155 1.29 7.35 5.95
CA GLY A 155 0.76 7.79 7.23
C GLY A 155 -0.48 8.67 7.17
N VAL A 156 -1.01 8.99 5.98
CA VAL A 156 -2.10 9.96 5.89
C VAL A 156 -3.43 9.56 6.51
N TYR A 157 -3.75 8.27 6.49
CA TYR A 157 -5.02 7.76 7.06
C TYR A 157 -4.76 6.95 8.33
N THR A 158 -3.60 7.13 8.93
CA THR A 158 -3.32 6.69 10.29
C THR A 158 -3.31 7.91 11.23
N PHE A 159 -3.61 9.10 10.68
CA PHE A 159 -3.57 10.35 11.45
C PHE A 159 -4.70 10.41 12.47
N GLU A 168 -8.73 19.89 4.77
CA GLU A 168 -7.94 21.13 4.78
C GLU A 168 -6.43 20.87 4.68
N GLU A 169 -5.83 20.37 5.77
CA GLU A 169 -4.42 19.98 5.77
C GLU A 169 -4.24 18.63 5.10
N LYS A 170 -5.18 17.72 5.37
CA LYS A 170 -5.24 16.43 4.67
C LYS A 170 -5.54 16.63 3.20
N ASP A 171 -6.39 17.63 2.88
CA ASP A 171 -6.67 17.97 1.49
C ASP A 171 -5.41 18.36 0.73
N HIS A 172 -4.55 19.13 1.38
CA HIS A 172 -3.32 19.58 0.76
C HIS A 172 -2.42 18.39 0.39
N ILE A 173 -2.30 17.41 1.30
CA ILE A 173 -1.50 16.20 1.02
C ILE A 173 -2.06 15.48 -0.20
N HIS A 174 -3.37 15.35 -0.24
CA HIS A 174 -4.04 14.74 -1.39
C HIS A 174 -3.87 15.50 -2.70
N ARG A 175 -3.89 16.84 -2.66
CA ARG A 175 -3.56 17.63 -3.84
C ARG A 175 -2.10 17.45 -4.30
N VAL A 176 -1.18 17.34 -3.35
CA VAL A 176 0.23 17.09 -3.68
C VAL A 176 0.38 15.72 -4.35
N LEU A 177 -0.22 14.70 -3.73
CA LEU A 177 -0.28 13.38 -4.33
C LEU A 177 -0.81 13.38 -5.78
N ASP A 178 -1.88 14.14 -6.03
CA ASP A 178 -2.42 14.34 -7.41
C ASP A 178 -1.37 14.96 -8.35
N LYS A 179 -0.59 15.93 -7.86
CA LYS A 179 0.51 16.52 -8.63
C LYS A 179 1.57 15.50 -9.02
N ILE A 180 1.93 14.61 -8.09
CA ILE A 180 2.91 13.56 -8.37
C ILE A 180 2.34 12.55 -9.37
N THR A 181 1.06 12.25 -9.26
CA THR A 181 0.40 11.36 -10.22
C THR A 181 0.41 11.98 -11.61
N ASP A 182 0.12 13.28 -11.69
CA ASP A 182 0.20 14.03 -12.97
C ASP A 182 1.62 13.92 -13.55
N THR A 183 2.63 13.98 -12.68
CA THR A 183 4.04 13.87 -13.11
C THR A 183 4.40 12.50 -13.68
N LEU A 184 4.01 11.44 -12.97
CA LEU A 184 4.09 10.06 -13.49
C LEU A 184 3.44 9.87 -14.89
N ILE A 185 2.21 10.36 -15.01
CA ILE A 185 1.46 10.25 -16.26
C ILE A 185 2.21 10.96 -17.41
N HIS A 186 2.71 12.16 -17.14
CA HIS A 186 3.47 12.93 -18.12
C HIS A 186 4.70 12.17 -18.60
N LEU A 187 5.45 11.58 -17.66
CA LEU A 187 6.62 10.76 -17.99
C LEU A 187 6.23 9.57 -18.89
N MET A 188 5.12 8.93 -18.55
CA MET A 188 4.64 7.78 -19.31
C MET A 188 4.14 8.14 -20.71
N ALA A 189 3.46 9.29 -20.81
CA ALA A 189 3.04 9.85 -22.11
C ALA A 189 4.25 10.20 -22.97
N LYS A 190 5.24 10.88 -22.39
CA LYS A 190 6.48 11.16 -23.11
C LYS A 190 7.27 9.91 -23.52
N ALA A 191 7.21 8.85 -22.70
CA ALA A 191 7.81 7.56 -23.07
C ALA A 191 7.09 6.85 -24.22
N GLY A 192 5.91 7.31 -24.62
CA GLY A 192 5.23 6.78 -25.80
C GLY A 192 4.15 5.77 -25.49
N LEU A 193 3.61 5.79 -24.26
CA LEU A 193 2.54 4.87 -23.88
C LEU A 193 1.22 5.55 -24.22
N THR A 194 0.26 4.74 -24.66
CA THR A 194 -1.08 5.25 -24.94
C THR A 194 -1.74 5.55 -23.60
N LEU A 195 -2.78 6.36 -23.68
CA LEU A 195 -3.65 6.67 -22.55
C LEU A 195 -3.98 5.39 -21.73
N GLN A 196 -4.42 4.34 -22.40
CA GLN A 196 -4.77 3.10 -21.71
C GLN A 196 -3.56 2.41 -21.02
N GLN A 197 -2.43 2.38 -21.70
CA GLN A 197 -1.18 1.86 -21.14
C GLN A 197 -0.66 2.65 -19.95
N GLN A 198 -0.85 3.97 -19.99
CA GLN A 198 -0.49 4.86 -18.90
C GLN A 198 -1.22 4.48 -17.60
N HIS A 199 -2.53 4.29 -17.74
CA HIS A 199 -3.40 3.85 -16.67
C HIS A 199 -3.04 2.47 -16.14
N GLN A 200 -2.79 1.52 -17.03
CA GLN A 200 -2.36 0.20 -16.59
C GLN A 200 -1.01 0.18 -15.86
N ARG A 201 -0.01 0.90 -16.39
CA ARG A 201 1.30 0.96 -15.77
C ARG A 201 1.24 1.70 -14.41
N LEU A 202 0.50 2.82 -14.35
CA LEU A 202 0.28 3.53 -13.10
C LEU A 202 -0.34 2.58 -12.07
N ALA A 203 -1.35 1.83 -12.48
CA ALA A 203 -2.00 0.89 -11.57
C ALA A 203 -1.02 -0.16 -11.10
N GLN A 204 -0.23 -0.71 -12.01
CA GLN A 204 0.75 -1.75 -11.65
CA GLN A 204 0.73 -1.75 -11.63
C GLN A 204 1.73 -1.22 -10.61
N LEU A 205 2.26 -0.02 -10.83
CA LEU A 205 3.19 0.58 -9.88
C LEU A 205 2.55 0.78 -8.50
N LEU A 206 1.33 1.30 -8.45
CA LEU A 206 0.67 1.56 -7.17
C LEU A 206 0.33 0.27 -6.39
N LEU A 207 0.01 -0.80 -7.10
CA LEU A 207 -0.16 -2.11 -6.44
C LEU A 207 1.12 -2.70 -5.86
N ILE A 208 2.24 -2.44 -6.51
CA ILE A 208 3.55 -2.80 -5.97
C ILE A 208 3.81 -2.08 -4.65
N LEU A 209 3.40 -0.83 -4.57
CA LEU A 209 3.47 -0.10 -3.30
C LEU A 209 2.75 -0.79 -2.13
N SER A 210 1.64 -1.46 -2.40
CA SER A 210 0.97 -2.24 -1.35
C SER A 210 1.83 -3.45 -0.88
N HIS A 211 2.59 -4.05 -1.81
CA HIS A 211 3.57 -5.09 -1.47
C HIS A 211 4.74 -4.59 -0.62
N ILE A 212 5.23 -3.40 -0.94
CA ILE A 212 6.29 -2.74 -0.13
C ILE A 212 5.77 -2.45 1.26
N ARG A 213 4.51 -2.03 1.38
CA ARG A 213 3.92 -1.83 2.69
C ARG A 213 3.91 -3.13 3.45
N HIS A 214 3.47 -4.19 2.80
CA HIS A 214 3.45 -5.52 3.41
C HIS A 214 4.84 -5.94 3.92
N MET A 215 5.85 -5.76 3.08
CA MET A 215 7.24 -6.09 3.44
C MET A 215 7.76 -5.28 4.63
N SER A 216 7.43 -4.00 4.66
CA SER A 216 7.75 -3.14 5.80
C SER A 216 7.12 -3.64 7.09
N ASN A 217 5.84 -3.99 7.02
CA ASN A 217 5.14 -4.53 8.20
C ASN A 217 5.84 -5.79 8.73
N LYS A 218 6.19 -6.71 7.85
CA LYS A 218 6.89 -7.94 8.27
C LYS A 218 8.31 -7.61 8.81
N GLY A 219 8.98 -6.67 8.14
CA GLY A 219 10.25 -6.15 8.62
C GLY A 219 10.17 -5.56 10.03
N MET A 220 9.19 -4.68 10.27
CA MET A 220 8.97 -4.12 11.60
C MET A 220 8.65 -5.17 12.65
N GLU A 221 7.81 -6.16 12.34
CA GLU A 221 7.53 -7.24 13.30
C GLU A 221 8.81 -7.90 13.82
N HIS A 222 9.70 -8.24 12.90
CA HIS A 222 11.00 -8.77 13.26
C HIS A 222 11.75 -7.78 14.16
N LEU A 223 11.87 -6.52 13.73
CA LEU A 223 12.62 -5.53 14.50
C LEU A 223 12.11 -5.35 15.93
N TYR A 224 10.79 -5.35 16.11
CA TYR A 224 10.21 -5.26 17.46
C TYR A 224 10.32 -6.55 18.29
N SER A 225 10.66 -7.68 17.68
CA SER A 225 10.85 -8.95 18.41
C SER A 225 12.28 -9.26 18.87
N MET A 226 13.28 -8.47 18.45
CA MET A 226 14.69 -8.74 18.78
C MET A 226 14.99 -8.44 20.25
N VAL A 231 16.81 1.22 20.59
CA VAL A 231 15.67 0.56 19.98
C VAL A 231 15.49 1.01 18.51
N VAL A 232 14.36 0.63 17.91
CA VAL A 232 14.01 0.93 16.52
C VAL A 232 13.65 2.43 16.41
N PRO A 233 13.83 3.06 15.21
CA PRO A 233 13.44 4.48 15.10
C PRO A 233 12.02 4.72 15.58
N SER A 234 11.86 5.73 16.42
CA SER A 234 10.61 6.03 17.09
C SER A 234 10.12 7.42 16.71
N TYR A 235 8.90 7.74 17.15
CA TYR A 235 8.36 9.09 17.05
C TYR A 235 9.37 10.10 17.63
N ASP A 236 9.86 9.85 18.83
CA ASP A 236 10.77 10.79 19.53
C ASP A 236 12.13 10.98 18.85
N LEU A 237 12.74 9.92 18.33
CA LEU A 237 14.01 10.08 17.58
C LEU A 237 13.76 10.90 16.33
N LEU A 238 12.72 10.55 15.58
CA LEU A 238 12.45 11.25 14.32
C LEU A 238 12.09 12.71 14.51
N LEU A 239 11.40 13.01 15.61
CA LEU A 239 11.08 14.39 15.94
C LEU A 239 12.36 15.19 16.17
N GLU A 240 13.28 14.61 16.95
CA GLU A 240 14.58 15.24 17.20
C GLU A 240 15.37 15.42 15.92
N MET A 241 15.38 14.40 15.06
CA MET A 241 16.17 14.46 13.82
C MET A 241 15.62 15.52 12.84
N LEU A 242 14.31 15.53 12.69
CA LEU A 242 13.64 16.54 11.84
C LEU A 242 13.91 17.94 12.37
N ASP A 243 13.83 18.12 13.68
CA ASP A 243 14.07 19.42 14.26
C ASP A 243 15.55 19.82 14.14
N ALA A 244 16.45 18.86 14.34
CA ALA A 244 17.90 19.07 14.21
C ALA A 244 18.35 19.52 12.83
N HIS A 245 17.59 19.14 11.80
CA HIS A 245 17.80 19.60 10.43
C HIS A 245 17.92 21.11 10.28
N ARG A 246 17.14 21.85 11.09
CA ARG A 246 17.18 23.31 11.14
C ARG A 246 18.59 23.84 11.42
N LEU A 247 19.40 23.07 12.16
CA LEU A 247 20.77 23.47 12.53
C LEU A 247 21.88 23.09 11.55
N HIS A 248 21.61 22.21 10.59
CA HIS A 248 22.62 21.82 9.57
C HIS A 248 23.07 23.01 8.71
N ALA A 249 24.35 22.96 8.28
CA ALA A 249 24.96 23.92 7.31
C ALA A 249 24.00 24.60 6.34
N LEU B 4 -14.98 -16.03 -20.53
CA LEU B 4 -13.56 -15.70 -20.18
C LEU B 4 -13.34 -14.18 -20.15
N ALA B 5 -12.70 -13.72 -19.08
CA ALA B 5 -12.58 -12.30 -18.75
C ALA B 5 -12.01 -11.45 -19.87
N LEU B 6 -10.91 -11.88 -20.47
CA LEU B 6 -10.25 -11.11 -21.55
C LEU B 6 -11.18 -10.77 -22.74
N SER B 7 -12.22 -11.56 -22.94
CA SER B 7 -13.22 -11.31 -24.00
C SER B 7 -14.36 -10.36 -23.61
N LEU B 8 -14.62 -10.17 -22.31
CA LEU B 8 -15.70 -9.28 -21.81
C LEU B 8 -15.49 -7.78 -22.09
N THR B 9 -16.59 -7.05 -22.27
CA THR B 9 -16.55 -5.58 -22.33
C THR B 9 -16.48 -5.02 -20.91
N ALA B 10 -16.10 -3.75 -20.82
CA ALA B 10 -16.06 -3.04 -19.52
C ALA B 10 -17.42 -3.10 -18.82
N ASP B 11 -18.50 -2.90 -19.56
CA ASP B 11 -19.86 -2.94 -18.98
C ASP B 11 -20.28 -4.32 -18.43
N GLN B 12 -19.89 -5.37 -19.14
CA GLN B 12 -20.17 -6.74 -18.68
C GLN B 12 -19.31 -7.16 -17.50
N MET B 13 -18.08 -6.64 -17.43
CA MET B 13 -17.24 -6.86 -16.24
C MET B 13 -17.94 -6.34 -15.00
N VAL B 14 -18.38 -5.08 -15.09
CA VAL B 14 -19.10 -4.41 -14.00
C VAL B 14 -20.34 -5.20 -13.61
N SER B 15 -21.11 -5.61 -14.62
CA SER B 15 -22.32 -6.39 -14.38
C SER B 15 -22.00 -7.70 -13.67
N ALA B 16 -20.97 -8.40 -14.15
CA ALA B 16 -20.52 -9.65 -13.54
C ALA B 16 -20.13 -9.46 -12.06
N LEU B 17 -19.32 -8.43 -11.78
CA LEU B 17 -18.89 -8.17 -10.40
C LEU B 17 -20.05 -7.77 -9.49
N LEU B 18 -20.97 -6.94 -10.00
CA LEU B 18 -22.17 -6.57 -9.24
C LEU B 18 -23.06 -7.79 -8.95
N ASP B 19 -23.19 -8.69 -9.94
CA ASP B 19 -23.97 -9.93 -9.74
C ASP B 19 -23.35 -10.90 -8.73
N ALA B 20 -22.02 -10.93 -8.66
CA ALA B 20 -21.30 -11.79 -7.70
C ALA B 20 -21.37 -11.35 -6.24
N GLU B 21 -21.82 -10.11 -5.97
CA GLU B 21 -21.71 -9.53 -4.63
C GLU B 21 -22.35 -10.41 -3.57
N PRO B 22 -21.66 -10.61 -2.43
CA PRO B 22 -22.28 -11.38 -1.34
C PRO B 22 -23.29 -10.56 -0.55
N PRO B 23 -24.11 -11.25 0.27
CA PRO B 23 -25.11 -10.55 1.07
C PRO B 23 -24.53 -9.90 2.32
N ILE B 24 -25.28 -8.95 2.86
CA ILE B 24 -25.00 -8.36 4.16
C ILE B 24 -25.58 -9.30 5.21
N LEU B 25 -24.75 -9.76 6.15
CA LEU B 25 -25.17 -10.69 7.17
C LEU B 25 -25.42 -9.96 8.47
N TYR B 26 -26.19 -10.60 9.33
CA TYR B 26 -26.44 -10.11 10.68
C TYR B 26 -25.59 -10.80 11.68
N SER B 27 -25.31 -10.07 12.74
CA SER B 27 -24.67 -10.63 13.90
C SER B 27 -25.67 -11.52 14.62
N GLU B 28 -25.15 -12.44 15.42
CA GLU B 28 -26.00 -13.33 16.21
C GLU B 28 -26.98 -12.53 17.07
N ARG B 33 -27.14 -7.44 25.28
CA ARG B 33 -27.76 -6.19 24.81
C ARG B 33 -26.70 -5.08 24.69
N PRO B 34 -26.08 -4.63 25.82
CA PRO B 34 -24.75 -4.00 25.70
C PRO B 34 -23.65 -5.07 25.64
N PHE B 35 -22.41 -4.66 25.36
CA PHE B 35 -21.31 -5.60 25.06
C PHE B 35 -20.21 -5.63 26.13
N SER B 36 -19.28 -6.57 25.94
CA SER B 36 -18.05 -6.66 26.74
C SER B 36 -16.85 -6.94 25.80
N GLU B 37 -15.73 -7.45 26.33
CA GLU B 37 -14.57 -7.80 25.51
C GLU B 37 -14.84 -9.06 24.69
N ALA B 38 -14.96 -10.22 25.36
CA ALA B 38 -15.16 -11.52 24.70
C ALA B 38 -16.51 -11.61 23.98
N SER B 39 -17.52 -10.92 24.52
CA SER B 39 -18.83 -10.83 23.86
C SER B 39 -18.66 -10.20 22.47
N MET B 40 -17.95 -9.09 22.39
CA MET B 40 -17.64 -8.45 21.10
C MET B 40 -16.77 -9.38 20.24
N MET B 41 -15.69 -9.91 20.80
CA MET B 41 -14.74 -10.70 20.00
C MET B 41 -15.36 -11.99 19.47
N GLY B 42 -16.12 -12.71 20.31
CA GLY B 42 -16.84 -13.92 19.88
C GLY B 42 -17.89 -13.62 18.82
N LEU B 43 -18.58 -12.49 18.98
CA LEU B 43 -19.51 -11.99 17.97
C LEU B 43 -18.79 -11.66 16.64
N LEU B 44 -17.63 -11.02 16.72
CA LEU B 44 -16.86 -10.70 15.52
C LEU B 44 -16.34 -11.96 14.83
N THR B 45 -15.90 -12.96 15.62
CA THR B 45 -15.33 -14.19 15.05
C THR B 45 -16.43 -15.01 14.39
N ASN B 46 -17.57 -15.15 15.07
CA ASN B 46 -18.74 -15.82 14.46
C ASN B 46 -19.19 -15.17 13.15
N LEU B 47 -19.24 -13.83 13.11
CA LEU B 47 -19.58 -13.09 11.90
C LEU B 47 -18.56 -13.32 10.79
N ALA B 48 -17.28 -13.19 11.14
CA ALA B 48 -16.18 -13.44 10.19
C ALA B 48 -16.26 -14.83 9.55
N ASP B 49 -16.51 -15.86 10.39
CA ASP B 49 -16.64 -17.24 9.92
C ASP B 49 -17.75 -17.35 8.87
N ARG B 50 -18.89 -16.73 9.15
CA ARG B 50 -20.02 -16.80 8.24
C ARG B 50 -19.75 -15.97 6.97
N GLU B 51 -19.16 -14.78 7.11
CA GLU B 51 -18.77 -14.01 5.92
C GLU B 51 -17.75 -14.71 5.02
N LEU B 52 -16.87 -15.50 5.60
CA LEU B 52 -15.83 -16.23 4.84
C LEU B 52 -16.44 -17.23 3.87
N VAL B 53 -17.51 -17.92 4.29
CA VAL B 53 -18.18 -18.89 3.42
C VAL B 53 -18.71 -18.18 2.17
N HIS B 54 -19.40 -17.05 2.37
CA HIS B 54 -19.89 -16.27 1.22
C HIS B 54 -18.74 -15.69 0.36
N MET B 55 -17.63 -15.34 1.01
CA MET B 55 -16.48 -14.80 0.29
C MET B 55 -15.91 -15.81 -0.70
N ILE B 56 -15.76 -17.06 -0.28
CA ILE B 56 -15.26 -18.11 -1.18
C ILE B 56 -16.18 -18.26 -2.40
N ASN B 57 -17.50 -18.24 -2.20
CA ASN B 57 -18.47 -18.28 -3.31
C ASN B 57 -18.41 -17.06 -4.21
N TRP B 58 -18.22 -15.87 -3.61
CA TRP B 58 -17.94 -14.65 -4.36
C TRP B 58 -16.70 -14.77 -5.25
N ALA B 59 -15.60 -15.27 -4.68
CA ALA B 59 -14.33 -15.36 -5.43
C ALA B 59 -14.44 -16.23 -6.68
N LYS B 60 -15.14 -17.36 -6.55
CA LYS B 60 -15.39 -18.25 -7.69
C LYS B 60 -16.12 -17.55 -8.86
N ARG B 61 -16.83 -16.47 -8.59
CA ARG B 61 -17.55 -15.70 -9.62
C ARG B 61 -16.81 -14.48 -10.17
N VAL B 62 -15.64 -14.16 -9.61
CA VAL B 62 -14.81 -13.07 -10.08
C VAL B 62 -14.19 -13.51 -11.39
N PRO B 63 -14.54 -12.84 -12.50
CA PRO B 63 -14.08 -13.36 -13.80
C PRO B 63 -12.58 -13.57 -13.82
N GLY B 64 -12.18 -14.78 -14.23
CA GLY B 64 -10.76 -15.17 -14.27
C GLY B 64 -10.24 -15.98 -13.09
N PHE B 65 -10.95 -15.96 -11.96
CA PHE B 65 -10.46 -16.62 -10.73
C PHE B 65 -10.46 -18.16 -10.84
N VAL B 66 -11.57 -18.73 -11.31
CA VAL B 66 -11.66 -20.21 -11.48
C VAL B 66 -10.77 -20.81 -12.58
N ASP B 67 -10.18 -19.98 -13.43
CA ASP B 67 -9.17 -20.43 -14.40
C ASP B 67 -7.80 -20.65 -13.78
N LEU B 68 -7.57 -20.10 -12.58
CA LEU B 68 -6.34 -20.33 -11.84
C LEU B 68 -6.30 -21.76 -11.32
N THR B 69 -5.11 -22.23 -10.95
CA THR B 69 -5.00 -23.54 -10.32
C THR B 69 -5.59 -23.47 -8.92
N LEU B 70 -6.04 -24.61 -8.42
CA LEU B 70 -6.57 -24.72 -7.07
C LEU B 70 -5.55 -24.24 -6.04
N HIS B 71 -4.28 -24.52 -6.29
CA HIS B 71 -3.19 -24.05 -5.43
C HIS B 71 -3.14 -22.52 -5.36
N ASP B 72 -3.26 -21.86 -6.51
CA ASP B 72 -3.27 -20.39 -6.57
C ASP B 72 -4.54 -19.77 -5.98
N GLN B 73 -5.70 -20.39 -6.22
CA GLN B 73 -6.97 -19.94 -5.63
C GLN B 73 -6.91 -19.93 -4.10
N VAL B 74 -6.45 -21.05 -3.54
CA VAL B 74 -6.23 -21.18 -2.10
C VAL B 74 -5.25 -20.11 -1.58
N HIS B 75 -4.15 -19.88 -2.29
CA HIS B 75 -3.11 -18.97 -1.83
C HIS B 75 -3.64 -17.52 -1.78
N LEU B 76 -4.36 -17.12 -2.83
CA LEU B 76 -4.96 -15.80 -2.91
C LEU B 76 -5.98 -15.57 -1.81
N LEU B 77 -6.86 -16.53 -1.58
CA LEU B 77 -7.86 -16.38 -0.51
C LEU B 77 -7.23 -16.39 0.88
N GLU B 78 -6.26 -17.27 1.11
CA GLU B 78 -5.52 -17.24 2.39
C GLU B 78 -4.83 -15.88 2.61
N SER B 79 -4.28 -15.30 1.55
CA SER B 79 -3.60 -14.01 1.66
C SER B 79 -4.57 -12.81 1.83
N ALA B 80 -5.74 -12.89 1.18
CA ALA B 80 -6.62 -11.72 1.02
C ALA B 80 -7.77 -11.64 2.00
N TRP B 81 -8.11 -12.74 2.70
CA TRP B 81 -9.41 -12.83 3.40
C TRP B 81 -9.65 -11.68 4.38
N LEU B 82 -8.66 -11.32 5.20
CA LEU B 82 -8.90 -10.23 6.17
C LEU B 82 -9.02 -8.86 5.49
N GLU B 83 -8.24 -8.63 4.43
CA GLU B 83 -8.38 -7.41 3.63
C GLU B 83 -9.77 -7.30 3.00
N ILE B 84 -10.31 -8.43 2.54
CA ILE B 84 -11.63 -8.42 1.92
C ILE B 84 -12.72 -8.17 2.97
N LEU B 85 -12.63 -8.81 4.13
CA LEU B 85 -13.57 -8.51 5.22
C LEU B 85 -13.48 -7.04 5.67
N MET B 86 -12.27 -6.50 5.76
CA MET B 86 -12.10 -5.07 6.14
C MET B 86 -12.64 -4.07 5.13
N ILE B 87 -12.39 -4.29 3.84
CA ILE B 87 -12.92 -3.37 2.82
C ILE B 87 -14.47 -3.40 2.75
N GLY B 88 -15.07 -4.58 2.97
CA GLY B 88 -16.53 -4.70 3.13
C GLY B 88 -17.06 -3.90 4.32
N LEU B 89 -16.42 -4.08 5.48
CA LEU B 89 -16.74 -3.36 6.70
C LEU B 89 -16.66 -1.85 6.55
N VAL B 90 -15.55 -1.40 5.97
CA VAL B 90 -15.34 0.02 5.71
C VAL B 90 -16.40 0.55 4.75
N TRP B 91 -16.72 -0.22 3.71
CA TRP B 91 -17.76 0.15 2.76
C TRP B 91 -19.14 0.32 3.44
N ARG B 92 -19.50 -0.65 4.28
CA ARG B 92 -20.77 -0.60 5.05
C ARG B 92 -20.85 0.53 6.07
N SER B 93 -19.70 1.01 6.52
CA SER B 93 -19.59 2.04 7.53
C SER B 93 -19.56 3.46 6.98
N MET B 94 -19.53 3.59 5.65
CA MET B 94 -19.31 4.86 4.96
C MET B 94 -20.24 5.98 5.43
N GLU B 95 -21.52 5.66 5.53
CA GLU B 95 -22.57 6.60 5.95
C GLU B 95 -22.79 6.67 7.47
N HIS B 96 -21.82 6.20 8.26
CA HIS B 96 -21.94 6.22 9.70
C HIS B 96 -20.65 6.76 10.31
N PRO B 97 -20.39 8.08 10.14
CA PRO B 97 -19.18 8.72 10.66
C PRO B 97 -18.93 8.37 12.12
N GLY B 98 -17.71 7.97 12.43
CA GLY B 98 -17.31 7.63 13.79
C GLY B 98 -17.80 6.28 14.30
N LYS B 99 -18.39 5.46 13.43
CA LYS B 99 -18.86 4.13 13.80
C LYS B 99 -18.47 3.11 12.76
N LEU B 100 -18.35 1.87 13.19
CA LEU B 100 -18.16 0.76 12.26
C LEU B 100 -19.40 -0.14 12.25
N LEU B 101 -19.99 -0.30 11.06
CA LEU B 101 -21.18 -1.13 10.84
C LEU B 101 -20.76 -2.58 10.53
N PHE B 102 -20.48 -3.34 11.57
CA PHE B 102 -20.13 -4.75 11.43
C PHE B 102 -21.30 -5.51 10.85
N ALA B 103 -22.50 -5.22 11.36
CA ALA B 103 -23.75 -5.70 10.78
C ALA B 103 -24.86 -4.70 11.10
N PRO B 104 -26.00 -4.75 10.38
CA PRO B 104 -27.08 -3.79 10.73
C PRO B 104 -27.46 -3.78 12.22
N ASN B 105 -27.27 -4.90 12.91
CA ASN B 105 -27.53 -5.01 14.35
C ASN B 105 -26.28 -4.96 15.23
N LEU B 106 -25.16 -4.48 14.68
CA LEU B 106 -23.89 -4.42 15.41
C LEU B 106 -23.06 -3.24 14.89
N LEU B 107 -23.40 -2.06 15.40
CA LEU B 107 -22.81 -0.78 14.99
C LEU B 107 -22.12 -0.23 16.21
N LEU B 108 -20.80 -0.11 16.17
CA LEU B 108 -19.98 0.20 17.33
C LEU B 108 -19.23 1.53 17.12
N ASP B 109 -19.34 2.44 18.10
CA ASP B 109 -18.59 3.72 18.07
C ASP B 109 -17.16 3.54 18.58
N ARG B 110 -16.36 4.60 18.53
CA ARG B 110 -14.94 4.54 18.91
C ARG B 110 -14.75 4.02 20.33
N ASN B 111 -15.44 4.64 21.29
CA ASN B 111 -15.35 4.23 22.70
C ASN B 111 -15.78 2.78 22.97
N GLN B 112 -16.74 2.27 22.19
CA GLN B 112 -17.07 0.83 22.18
C GLN B 112 -15.91 -0.04 21.65
N GLY B 113 -15.11 0.52 20.72
CA GLY B 113 -13.89 -0.11 20.23
C GLY B 113 -12.89 -0.57 21.28
N LYS B 114 -12.83 0.14 22.40
CA LYS B 114 -11.95 -0.20 23.52
C LYS B 114 -12.31 -1.52 24.23
N SER B 115 -13.58 -1.94 24.16
CA SER B 115 -14.04 -3.20 24.77
C SER B 115 -13.18 -4.39 24.35
N MET B 119 -7.26 -3.31 20.08
CA MET B 119 -8.23 -3.19 18.98
C MET B 119 -8.43 -1.72 18.57
N VAL B 120 -8.40 -0.78 19.52
CA VAL B 120 -8.70 0.63 19.21
C VAL B 120 -7.65 1.30 18.29
N GLU B 121 -6.45 0.70 18.18
CA GLU B 121 -5.52 1.05 17.09
C GLU B 121 -6.14 0.73 15.72
N ILE B 122 -6.54 -0.53 15.55
CA ILE B 122 -7.18 -1.03 14.33
C ILE B 122 -8.48 -0.30 14.03
N PHE B 123 -9.24 -0.07 15.09
CA PHE B 123 -10.54 0.59 14.98
C PHE B 123 -10.44 1.98 14.36
N ASP B 124 -9.50 2.78 14.89
CA ASP B 124 -9.28 4.15 14.39
C ASP B 124 -8.79 4.16 12.95
N MET B 125 -7.97 3.19 12.60
CA MET B 125 -7.53 3.05 11.22
C MET B 125 -8.71 2.75 10.27
N LEU B 126 -9.60 1.84 10.69
CA LEU B 126 -10.79 1.52 9.89
C LEU B 126 -11.70 2.72 9.67
N LEU B 127 -11.95 3.47 10.76
CA LEU B 127 -12.74 4.71 10.69
C LEU B 127 -12.13 5.75 9.73
N ALA B 128 -10.82 5.85 9.72
CA ALA B 128 -10.12 6.77 8.81
C ALA B 128 -10.33 6.37 7.35
N THR B 129 -10.30 5.06 7.09
CA THR B 129 -10.56 4.56 5.74
C THR B 129 -11.98 4.87 5.25
N SER B 130 -12.95 4.60 6.12
CA SER B 130 -14.36 4.89 5.84
C SER B 130 -14.60 6.35 5.49
N SER B 131 -14.00 7.23 6.28
CA SER B 131 -14.07 8.69 6.08
C SER B 131 -13.42 9.12 4.74
N ARG B 132 -12.28 8.51 4.42
CA ARG B 132 -11.68 8.71 3.10
C ARG B 132 -12.60 8.28 1.94
N PHE B 133 -13.19 7.08 2.02
CA PHE B 133 -14.12 6.67 0.96
C PHE B 133 -15.32 7.62 0.88
N ARG B 134 -15.83 8.06 2.02
CA ARG B 134 -16.95 9.01 2.03
C ARG B 134 -16.54 10.28 1.28
N MET B 135 -15.41 10.86 1.68
CA MET B 135 -14.88 12.11 1.13
C MET B 135 -14.64 12.00 -0.38
N MET B 136 -14.14 10.85 -0.83
CA MET B 136 -14.02 10.56 -2.26
C MET B 136 -15.32 10.26 -3.00
N ASN B 137 -16.41 10.03 -2.28
CA ASN B 137 -17.69 9.59 -2.86
C ASN B 137 -17.51 8.27 -3.63
N LEU B 138 -16.85 7.30 -3.00
CA LEU B 138 -16.71 5.97 -3.62
C LEU B 138 -18.08 5.42 -4.01
N GLN B 139 -18.18 4.98 -5.27
CA GLN B 139 -19.37 4.36 -5.82
C GLN B 139 -19.31 2.84 -5.70
N GLY B 140 -20.48 2.22 -5.73
CA GLY B 140 -20.63 0.76 -5.69
C GLY B 140 -19.88 0.02 -6.78
N GLU B 141 -19.91 0.57 -8.00
CA GLU B 141 -19.27 -0.03 -9.14
C GLU B 141 -17.75 -0.01 -8.99
N GLU B 142 -17.24 1.04 -8.36
CA GLU B 142 -15.82 1.17 -8.03
C GLU B 142 -15.40 0.23 -6.89
N PHE B 143 -16.24 0.12 -5.86
CA PHE B 143 -15.99 -0.76 -4.71
C PHE B 143 -15.79 -2.23 -5.13
N VAL B 144 -16.67 -2.74 -5.98
CA VAL B 144 -16.55 -4.14 -6.43
C VAL B 144 -15.26 -4.36 -7.25
N CYS B 145 -14.82 -3.35 -8.02
CA CYS B 145 -13.55 -3.47 -8.74
C CYS B 145 -12.37 -3.51 -7.77
N LEU B 146 -12.41 -2.66 -6.75
CA LEU B 146 -11.34 -2.63 -5.72
C LEU B 146 -11.25 -3.92 -4.92
N LYS B 147 -12.40 -4.46 -4.55
CA LYS B 147 -12.44 -5.76 -3.86
C LYS B 147 -11.81 -6.87 -4.71
N SER B 148 -12.11 -6.89 -6.01
CA SER B 148 -11.50 -7.85 -6.91
C SER B 148 -9.98 -7.67 -7.05
N ILE B 149 -9.53 -6.42 -7.11
CA ILE B 149 -8.09 -6.12 -7.13
C ILE B 149 -7.40 -6.66 -5.86
N ILE B 150 -8.01 -6.46 -4.70
CA ILE B 150 -7.46 -6.98 -3.45
C ILE B 150 -7.24 -8.50 -3.50
N LEU B 151 -8.24 -9.23 -3.97
CA LEU B 151 -8.16 -10.67 -4.11
C LEU B 151 -7.02 -11.06 -5.04
N LEU B 152 -6.96 -10.44 -6.22
CA LEU B 152 -5.98 -10.81 -7.23
C LEU B 152 -4.55 -10.35 -6.91
N ASN B 153 -4.42 -9.22 -6.21
CA ASN B 153 -3.12 -8.66 -5.85
C ASN B 153 -2.54 -9.17 -4.52
N SER B 154 -3.27 -9.94 -3.72
CA SER B 154 -2.85 -10.26 -2.34
C SER B 154 -1.56 -11.07 -2.24
N GLY B 155 -1.40 -12.03 -3.15
CA GLY B 155 -0.26 -12.95 -3.18
C GLY B 155 0.23 -13.22 -4.59
N LYS B 170 1.76 -16.58 -13.93
CA LYS B 170 1.16 -15.43 -13.24
C LYS B 170 0.91 -14.21 -14.16
N ASP B 171 0.98 -14.40 -15.48
CA ASP B 171 0.61 -13.33 -16.42
C ASP B 171 -0.91 -13.25 -16.48
N HIS B 172 -1.60 -14.38 -16.29
CA HIS B 172 -3.07 -14.39 -16.30
C HIS B 172 -3.69 -13.46 -15.26
N ILE B 173 -3.14 -13.47 -14.04
CA ILE B 173 -3.55 -12.55 -12.98
C ILE B 173 -3.28 -11.09 -13.38
N HIS B 174 -2.09 -10.84 -13.95
CA HIS B 174 -1.70 -9.52 -14.45
C HIS B 174 -2.63 -9.03 -15.56
N ARG B 175 -3.01 -9.92 -16.46
CA ARG B 175 -3.96 -9.59 -17.53
C ARG B 175 -5.33 -9.19 -17.01
N VAL B 176 -5.85 -9.94 -16.05
CA VAL B 176 -7.11 -9.61 -15.42
C VAL B 176 -7.01 -8.30 -14.59
N LEU B 177 -5.87 -8.07 -13.94
CA LEU B 177 -5.70 -6.84 -13.17
C LEU B 177 -5.74 -5.63 -14.12
N ASP B 178 -5.06 -5.72 -15.27
CA ASP B 178 -5.11 -4.68 -16.32
C ASP B 178 -6.52 -4.43 -16.85
N LYS B 179 -7.29 -5.50 -16.98
CA LYS B 179 -8.71 -5.43 -17.33
C LYS B 179 -9.55 -4.69 -16.28
N ILE B 180 -9.30 -4.98 -15.01
CA ILE B 180 -10.02 -4.30 -13.93
C ILE B 180 -9.65 -2.81 -13.91
N THR B 181 -8.38 -2.49 -14.19
CA THR B 181 -7.96 -1.11 -14.32
C THR B 181 -8.74 -0.39 -15.42
N ASP B 182 -8.78 -1.03 -16.61
CA ASP B 182 -9.55 -0.50 -17.75
C ASP B 182 -11.02 -0.24 -17.36
N THR B 183 -11.61 -1.17 -16.61
CA THR B 183 -12.98 -1.10 -16.19
C THR B 183 -13.22 0.07 -15.23
N LEU B 184 -12.32 0.26 -14.25
CA LEU B 184 -12.34 1.44 -13.37
C LEU B 184 -12.32 2.73 -14.16
N ILE B 185 -11.42 2.81 -15.13
CA ILE B 185 -11.32 4.01 -15.96
C ILE B 185 -12.60 4.24 -16.80
N HIS B 186 -13.13 3.15 -17.35
CA HIS B 186 -14.39 3.19 -18.09
C HIS B 186 -15.54 3.78 -17.24
N LEU B 187 -15.65 3.32 -15.98
CA LEU B 187 -16.65 3.86 -15.05
C LEU B 187 -16.49 5.36 -14.79
N MET B 188 -15.25 5.82 -14.66
CA MET B 188 -14.96 7.23 -14.41
C MET B 188 -15.26 8.10 -15.63
N ALA B 189 -14.90 7.59 -16.81
CA ALA B 189 -15.19 8.27 -18.07
C ALA B 189 -16.71 8.40 -18.26
N LYS B 190 -17.45 7.33 -17.97
CA LYS B 190 -18.92 7.38 -18.05
C LYS B 190 -19.54 8.38 -17.07
N ALA B 191 -18.91 8.56 -15.90
CA ALA B 191 -19.36 9.56 -14.94
C ALA B 191 -18.96 10.99 -15.30
N GLY B 192 -18.23 11.17 -16.41
CA GLY B 192 -17.91 12.49 -16.93
C GLY B 192 -16.64 13.12 -16.40
N LEU B 193 -15.76 12.33 -15.79
CA LEU B 193 -14.47 12.86 -15.33
C LEU B 193 -13.58 13.18 -16.54
N THR B 194 -12.82 14.26 -16.45
CA THR B 194 -11.85 14.62 -17.49
C THR B 194 -10.74 13.57 -17.49
N LEU B 195 -9.93 13.57 -18.55
CA LEU B 195 -8.78 12.64 -18.61
C LEU B 195 -7.82 12.79 -17.43
N GLN B 196 -7.61 14.02 -16.97
CA GLN B 196 -6.75 14.27 -15.80
C GLN B 196 -7.36 13.74 -14.51
N GLN B 197 -8.63 14.04 -14.30
CA GLN B 197 -9.38 13.53 -13.15
C GLN B 197 -9.41 12.00 -13.09
N GLN B 198 -9.41 11.35 -14.26
CA GLN B 198 -9.43 9.88 -14.34
C GLN B 198 -8.20 9.27 -13.69
N HIS B 199 -7.01 9.72 -14.08
CA HIS B 199 -5.79 9.17 -13.48
C HIS B 199 -5.65 9.55 -12.02
N GLN B 200 -6.09 10.75 -11.64
CA GLN B 200 -5.95 11.18 -10.24
C GLN B 200 -6.81 10.31 -9.31
N ARG B 201 -8.04 10.06 -9.75
CA ARG B 201 -8.96 9.20 -9.01
C ARG B 201 -8.49 7.75 -8.92
N LEU B 202 -8.00 7.20 -10.04
CA LEU B 202 -7.46 5.85 -10.04
C LEU B 202 -6.36 5.72 -8.98
N ALA B 203 -5.42 6.67 -9.00
CA ALA B 203 -4.34 6.65 -8.02
C ALA B 203 -4.88 6.77 -6.59
N GLN B 204 -5.80 7.70 -6.36
CA GLN B 204 -6.42 7.85 -5.02
C GLN B 204 -7.01 6.52 -4.51
N LEU B 205 -7.75 5.83 -5.36
CA LEU B 205 -8.35 4.55 -4.98
C LEU B 205 -7.31 3.48 -4.69
N LEU B 206 -6.31 3.34 -5.57
CA LEU B 206 -5.33 2.28 -5.40
C LEU B 206 -4.39 2.55 -4.23
N LEU B 207 -4.13 3.81 -3.91
CA LEU B 207 -3.33 4.15 -2.71
C LEU B 207 -4.00 3.70 -1.40
N ILE B 208 -5.32 3.73 -1.35
CA ILE B 208 -6.02 3.22 -0.17
C ILE B 208 -5.77 1.73 0.09
N LEU B 209 -5.48 0.94 -0.96
CA LEU B 209 -5.17 -0.49 -0.78
C LEU B 209 -3.89 -0.76 0.04
N SER B 210 -2.94 0.17 0.00
CA SER B 210 -1.77 0.06 0.89
C SER B 210 -2.15 0.10 2.35
N HIS B 211 -3.12 0.96 2.67
CA HIS B 211 -3.60 1.11 4.03
CA HIS B 211 -3.59 1.06 4.04
C HIS B 211 -4.43 -0.12 4.44
N ILE B 212 -5.23 -0.65 3.52
CA ILE B 212 -6.04 -1.87 3.82
C ILE B 212 -5.09 -3.04 4.11
N ARG B 213 -4.02 -3.13 3.35
CA ARG B 213 -2.97 -4.10 3.60
C ARG B 213 -2.39 -3.95 5.01
N HIS B 214 -2.06 -2.73 5.36
CA HIS B 214 -1.45 -2.42 6.65
C HIS B 214 -2.37 -2.84 7.79
N MET B 215 -3.64 -2.49 7.65
CA MET B 215 -4.63 -2.85 8.66
C MET B 215 -4.79 -4.38 8.82
N SER B 216 -4.83 -5.09 7.70
CA SER B 216 -4.92 -6.54 7.69
C SER B 216 -3.73 -7.15 8.43
N ASN B 217 -2.53 -6.64 8.13
CA ASN B 217 -1.34 -7.13 8.82
C ASN B 217 -1.37 -6.89 10.32
N LYS B 218 -1.84 -5.71 10.74
CA LYS B 218 -1.97 -5.45 12.20
C LYS B 218 -3.01 -6.40 12.85
N GLY B 219 -4.12 -6.62 12.15
CA GLY B 219 -5.15 -7.56 12.61
C GLY B 219 -4.64 -8.99 12.75
N MET B 220 -3.94 -9.46 11.72
CA MET B 220 -3.35 -10.80 11.74
C MET B 220 -2.36 -10.97 12.91
N GLU B 221 -1.61 -9.91 13.21
CA GLU B 221 -0.67 -9.88 14.32
C GLU B 221 -1.35 -10.07 15.66
N HIS B 222 -2.43 -9.34 15.90
CA HIS B 222 -3.28 -9.55 17.07
C HIS B 222 -3.81 -11.00 17.11
N LEU B 223 -4.35 -11.50 15.99
CA LEU B 223 -4.98 -12.82 15.98
C LEU B 223 -4.01 -13.98 16.23
N TYR B 224 -2.82 -13.93 15.64
CA TYR B 224 -1.70 -14.82 16.02
C TYR B 224 -0.96 -14.21 17.21
N TYR B 235 -7.66 -23.86 5.15
CA TYR B 235 -7.34 -24.73 4.02
C TYR B 235 -8.45 -25.75 3.90
N ASP B 236 -8.74 -26.42 5.02
CA ASP B 236 -9.92 -27.27 5.20
C ASP B 236 -11.20 -26.65 4.60
N LEU B 237 -11.59 -25.47 5.09
CA LEU B 237 -12.80 -24.77 4.61
C LEU B 237 -12.61 -24.31 3.17
N LEU B 238 -11.53 -23.59 2.93
CA LEU B 238 -11.12 -23.16 1.58
C LEU B 238 -11.19 -24.30 0.58
N LEU B 239 -10.51 -25.39 0.91
CA LEU B 239 -10.35 -26.54 0.02
C LEU B 239 -11.66 -27.27 -0.21
N GLU B 240 -12.52 -27.36 0.81
CA GLU B 240 -13.85 -27.96 0.64
C GLU B 240 -14.73 -27.14 -0.31
N MET B 241 -14.87 -25.84 0.00
CA MET B 241 -15.68 -24.93 -0.81
C MET B 241 -15.10 -24.73 -2.23
N LEU B 242 -13.78 -24.57 -2.34
CA LEU B 242 -13.15 -24.35 -3.66
C LEU B 242 -13.14 -25.62 -4.52
N ASP B 243 -13.00 -26.77 -3.89
CA ASP B 243 -13.05 -28.07 -4.56
C ASP B 243 -14.44 -28.66 -4.41
C21 GW5 C . 16.15 -6.74 7.64
C22 GW5 C . 15.39 -7.48 8.54
C23 GW5 C . 14.33 -6.91 9.23
C24 GW5 C . 13.99 -5.58 9.02
C25 GW5 C . 14.71 -4.82 8.11
C20 GW5 C . 15.82 -5.37 7.41
C3 GW5 C . 16.52 -4.52 6.43
C2 GW5 C . 16.59 -5.07 4.99
C1 GW5 C . 15.25 -5.07 4.23
C4 GW5 C . 17.04 -3.30 6.77
C5 GW5 C . 17.71 -2.37 5.79
C6 GW5 C . 18.95 -1.79 6.08
C7 GW5 C . 19.55 -0.90 5.19
C8 GW5 C . 18.92 -0.58 4.00
C9 GW5 C . 17.68 -1.16 3.67
C10 GW5 C . 17.07 -2.02 4.58
C11 GW5 C . 17.06 -2.74 8.15
C19 GW5 C . 16.49 -1.48 8.40
C18 GW5 C . 16.53 -0.94 9.65
C12 GW5 C . 17.72 -3.44 9.21
C13 GW5 C . 17.76 -2.89 10.47
C14 GW5 C . 17.15 -1.62 10.69
C15 GW5 C . 17.20 -0.90 11.98
C16 GW5 C . 17.19 -1.40 13.21
C17 GW5 C . 17.33 -0.46 14.34
O2 GW5 C . 17.47 0.75 14.21
O1 GW5 C . 17.31 -0.99 15.56
C21 GW5 D . -10.64 -7.50 15.11
C22 GW5 D . -9.42 -7.68 15.77
C23 GW5 D . -8.34 -8.26 15.14
C24 GW5 D . -8.45 -8.70 13.83
C25 GW5 D . -9.65 -8.54 13.14
C20 GW5 D . -10.77 -7.95 13.78
C3 GW5 D . -12.01 -7.79 12.97
C2 GW5 D . -12.49 -6.37 12.69
C1 GW5 D . -11.37 -5.45 12.20
C4 GW5 D . -12.72 -8.87 12.48
C5 GW5 D . -13.95 -8.77 11.64
C6 GW5 D . -15.14 -9.44 11.97
C7 GW5 D . -16.23 -9.33 11.11
C8 GW5 D . -16.13 -8.60 9.93
C9 GW5 D . -14.96 -7.96 9.58
C10 GW5 D . -13.87 -8.06 10.42
C11 GW5 D . -12.30 -10.26 12.77
C19 GW5 D . -11.95 -11.20 11.78
C18 GW5 D . -11.60 -12.46 12.20
C12 GW5 D . -12.31 -10.59 14.14
C13 GW5 D . -11.95 -11.85 14.53
C14 GW5 D . -11.59 -12.80 13.56
C15 GW5 D . -11.22 -14.10 14.12
C16 GW5 D . -10.96 -15.20 13.40
C17 GW5 D . -10.60 -16.45 14.09
O2 GW5 D . -10.51 -16.54 15.31
O1 GW5 D . -10.35 -17.52 13.32
#